data_6CVW
#
_entry.id   6CVW
#
_cell.length_a   55.186
_cell.length_b   58.516
_cell.length_c   59.852
_cell.angle_alpha   90.00
_cell.angle_beta   90.00
_cell.angle_gamma   90.00
#
_symmetry.space_group_name_H-M   'P 21 21 21'
#
loop_
_entity.id
_entity.type
_entity.pdbx_description
1 polymer 'NS3 protease'
2 non-polymer 'ZINC ION'
3 non-polymer 'SULFATE ION'
4 non-polymer N-[(cyclopentyloxy)carbonyl]-3-methyl-L-valyl-(4R)-N-[(1R,2S)-2-ethenyl-1-{[(1-methylcyclopropyl)sulfonyl]carbamoyl}cyclopropyl]-4-[(7-methoxy-3-methylquinoxalin-2-yl)oxy]-L-prolinamide
5 water water
#
_entity_poly.entity_id   1
_entity_poly.type   'polypeptide(L)'
_entity_poly.pdbx_seq_one_letter_code
;GSHMASMKKKGSVVIVGRINLSGDTAYAQQTRGEEGCQETSQTGRDKNQVEGEVQIVSTATQTFLATSINGVLWTVYHGA
GTRTIASPKGPVTQMYTNVDKDLVGWQAPQGSRSLTPCTCGSSDLYLVTRHADVIPVRRRGDSRGSLLSPRPISYLKGSS
GGPLLCPAGHAVGIFRAAVCTRGVAKAVDFIPVESLETTMR
;
_entity_poly.pdbx_strand_id   A
#
loop_
_chem_comp.id
_chem_comp.type
_chem_comp.name
_chem_comp.formula
FH1 non-polymer N-[(cyclopentyloxy)carbonyl]-3-methyl-L-valyl-(4R)-N-[(1R,2S)-2-ethenyl-1-{[(1-methylcyclopropyl)sulfonyl]carbamoyl}cyclopropyl]-4-[(7-methoxy-3-methylquinoxalin-2-yl)oxy]-L-prolinamide 'C37 H50 N6 O9 S'
SO4 non-polymer 'SULFATE ION' 'O4 S -2'
ZN non-polymer 'ZINC ION' 'Zn 2'
#
# COMPACT_ATOMS: atom_id res chain seq x y z
N SER A 2 -32.30 -8.54 7.82
CA SER A 2 -33.43 -8.94 6.98
C SER A 2 -34.18 -7.75 6.39
N HIS A 3 -33.84 -6.53 6.81
CA HIS A 3 -34.49 -5.33 6.29
C HIS A 3 -33.56 -4.67 5.27
N MET A 4 -33.75 -5.01 3.99
CA MET A 4 -32.81 -4.59 2.97
C MET A 4 -32.81 -3.09 2.78
N ALA A 5 -33.98 -2.44 2.90
CA ALA A 5 -34.05 -1.01 2.64
C ALA A 5 -33.15 -0.19 3.56
N SER A 6 -32.76 -0.70 4.73
CA SER A 6 -31.91 0.07 5.64
C SER A 6 -30.50 -0.53 5.74
N MET A 7 -30.19 -1.53 4.92
CA MET A 7 -28.84 -2.07 4.94
C MET A 7 -27.87 -1.00 4.45
N LYS A 8 -26.76 -0.89 5.16
CA LYS A 8 -25.75 0.10 4.85
C LYS A 8 -24.78 -0.43 3.78
N LYS A 9 -24.03 0.51 3.22
CA LYS A 9 -22.97 0.22 2.26
C LYS A 9 -21.65 0.65 2.89
N LYS A 10 -20.59 -0.14 2.70
CA LYS A 10 -19.28 0.30 3.16
C LYS A 10 -18.79 1.40 2.24
N GLY A 11 -18.00 2.29 2.79
CA GLY A 11 -17.48 3.36 1.99
C GLY A 11 -16.31 2.88 1.16
N SER A 12 -15.80 3.80 0.38
CA SER A 12 -14.65 3.54 -0.46
C SER A 12 -13.36 3.71 0.35
N VAL A 13 -12.30 3.05 -0.14
CA VAL A 13 -10.96 3.46 0.24
C VAL A 13 -10.69 4.85 -0.31
N VAL A 14 -10.01 5.70 0.50
CA VAL A 14 -9.71 7.08 0.17
C VAL A 14 -8.22 7.34 0.29
N ILE A 15 -7.65 7.98 -0.74
CA ILE A 15 -6.26 8.44 -0.66
C ILE A 15 -6.22 9.68 0.23
N VAL A 16 -5.42 9.63 1.30
CA VAL A 16 -5.32 10.74 2.25
C VAL A 16 -3.95 11.36 2.30
N GLY A 17 -2.97 10.82 1.57
CA GLY A 17 -1.68 11.44 1.53
C GLY A 17 -0.76 10.59 0.70
N ARG A 18 0.54 10.81 0.84
CA ARG A 18 1.52 10.06 0.04
C ARG A 18 2.85 10.05 0.76
N ILE A 19 3.68 9.09 0.36
CA ILE A 19 5.08 9.10 0.77
C ILE A 19 5.85 9.69 -0.38
N ASN A 20 6.40 10.89 -0.17
CA ASN A 20 7.09 11.60 -1.22
C ASN A 20 8.51 11.08 -1.36
N LEU A 21 8.83 10.54 -2.53
CA LEU A 21 10.14 9.96 -2.80
C LEU A 21 10.81 10.63 -3.99
N SER A 22 10.36 11.82 -4.38
CA SER A 22 10.77 12.39 -5.65
C SER A 22 12.12 13.09 -5.58
N GLY A 23 12.60 13.39 -4.37
CA GLY A 23 13.79 14.21 -4.22
C GLY A 23 14.84 13.49 -3.41
N ASP A 24 15.58 14.21 -2.57
CA ASP A 24 16.65 13.61 -1.81
C ASP A 24 16.24 13.18 -0.41
N THR A 25 15.02 13.52 0.01
CA THR A 25 14.52 13.24 1.34
C THR A 25 13.14 12.58 1.23
N ALA A 26 12.94 11.48 1.92
CA ALA A 26 11.64 10.81 1.91
C ALA A 26 10.81 11.42 3.03
N TYR A 27 9.57 11.79 2.73
CA TYR A 27 8.71 12.36 3.75
C TYR A 27 7.25 12.13 3.42
N ALA A 28 6.46 11.95 4.47
CA ALA A 28 5.02 11.82 4.34
C ALA A 28 4.36 13.18 4.17
N GLN A 29 3.35 13.21 3.29
CA GLN A 29 2.49 14.37 3.10
C GLN A 29 1.05 13.93 3.28
N GLN A 30 0.28 14.71 4.05
CA GLN A 30 -1.15 14.54 4.10
C GLN A 30 -1.81 15.45 3.08
N THR A 31 -2.75 14.89 2.34
CA THR A 31 -3.49 15.65 1.34
C THR A 31 -4.99 15.77 1.67
N ARG A 32 -5.49 15.04 2.65
CA ARG A 32 -6.87 15.16 3.10
C ARG A 32 -7.00 14.80 4.58
N GLY A 33 -7.72 15.63 5.32
CA GLY A 33 -8.01 15.36 6.71
C GLY A 33 -9.14 14.36 6.97
N GLU A 34 -9.32 14.06 8.27
CA GLU A 34 -10.19 12.95 8.68
C GLU A 34 -11.64 13.19 8.31
N GLU A 35 -12.12 14.42 8.52
CA GLU A 35 -13.49 14.77 8.17
C GLU A 35 -13.72 14.65 6.67
N GLY A 36 -12.83 15.25 5.88
CA GLY A 36 -12.95 15.15 4.43
C GLY A 36 -12.76 13.72 3.94
N CYS A 37 -11.90 12.94 4.60
CA CYS A 37 -11.80 11.52 4.24
C CYS A 37 -13.14 10.81 4.44
N GLN A 38 -13.77 11.02 5.58
CA GLN A 38 -15.07 10.37 5.86
C GLN A 38 -16.10 10.70 4.79
N GLU A 39 -16.19 11.97 4.36
CA GLU A 39 -17.17 12.35 3.36
C GLU A 39 -16.84 11.73 2.00
N THR A 40 -15.56 11.69 1.65
CA THR A 40 -15.16 11.16 0.35
C THR A 40 -15.38 9.66 0.30
N SER A 41 -15.22 9.00 1.44
CA SER A 41 -15.46 7.57 1.51
C SER A 41 -16.93 7.25 1.26
N GLN A 42 -17.84 8.08 1.78
CA GLN A 42 -19.26 7.86 1.55
C GLN A 42 -19.65 8.13 0.11
N THR A 43 -19.14 9.19 -0.48
CA THR A 43 -19.54 9.51 -1.85
C THR A 43 -18.78 8.70 -2.89
N GLY A 44 -17.53 8.33 -2.59
CA GLY A 44 -16.64 7.77 -3.60
C GLY A 44 -16.09 8.75 -4.60
N ARG A 45 -16.25 10.04 -4.38
CA ARG A 45 -15.89 11.06 -5.34
C ARG A 45 -14.75 11.85 -4.73
N ASP A 46 -13.57 11.67 -5.29
CA ASP A 46 -12.36 12.29 -4.80
C ASP A 46 -11.80 13.11 -5.94
N LYS A 47 -11.88 14.43 -5.83
CA LYS A 47 -11.33 15.31 -6.85
C LYS A 47 -9.89 15.73 -6.58
N ASN A 48 -9.27 15.27 -5.48
CA ASN A 48 -7.93 15.75 -5.19
C ASN A 48 -6.94 15.25 -6.22
N GLN A 49 -5.93 16.08 -6.48
CA GLN A 49 -4.81 15.70 -7.32
C GLN A 49 -4.01 14.61 -6.63
N VAL A 50 -3.68 13.57 -7.38
CA VAL A 50 -2.87 12.46 -6.89
C VAL A 50 -1.50 12.60 -7.52
N GLU A 51 -0.46 12.34 -6.73
CA GLU A 51 0.89 12.37 -7.26
C GLU A 51 1.65 11.23 -6.65
N GLY A 52 2.62 10.69 -7.38
CA GLY A 52 3.61 9.82 -6.78
C GLY A 52 3.23 8.33 -6.84
N GLU A 53 4.12 7.52 -6.27
CA GLU A 53 4.02 6.06 -6.37
C GLU A 53 3.37 5.42 -5.16
N VAL A 54 3.60 5.99 -3.99
CA VAL A 54 3.14 5.39 -2.74
C VAL A 54 2.11 6.31 -2.12
N GLN A 55 0.89 5.79 -1.95
CA GLN A 55 -0.21 6.54 -1.36
C GLN A 55 -0.48 6.06 0.05
N ILE A 56 -0.88 6.99 0.89
CA ILE A 56 -1.48 6.69 2.18
C ILE A 56 -2.98 6.63 1.98
N VAL A 57 -3.61 5.53 2.39
CA VAL A 57 -5.03 5.32 2.16
C VAL A 57 -5.73 4.99 3.47
N SER A 58 -7.03 5.24 3.48
CA SER A 58 -7.81 5.05 4.68
C SER A 58 -9.21 4.59 4.35
N THR A 59 -9.79 3.84 5.27
CA THR A 59 -11.21 3.55 5.31
C THR A 59 -11.76 4.21 6.57
N ALA A 60 -13.00 3.87 6.93
CA ALA A 60 -13.53 4.45 8.15
C ALA A 60 -12.81 3.95 9.40
N THR A 61 -12.18 2.78 9.32
CA THR A 61 -11.63 2.13 10.49
C THR A 61 -10.14 1.83 10.41
N GLN A 62 -9.51 1.96 9.25
CA GLN A 62 -8.11 1.57 9.14
C GLN A 62 -7.37 2.56 8.25
N THR A 63 -6.06 2.60 8.39
CA THR A 63 -5.21 3.39 7.47
C THR A 63 -3.96 2.55 7.19
N PHE A 64 -3.50 2.61 5.96
CA PHE A 64 -2.44 1.74 5.45
C PHE A 64 -1.89 2.41 4.19
N LEU A 65 -1.14 1.66 3.39
CA LEU A 65 -0.50 2.21 2.20
C LEU A 65 -0.99 1.50 0.96
N ALA A 66 -0.70 2.11 -0.19
CA ALA A 66 -0.98 1.49 -1.47
C ALA A 66 0.08 1.96 -2.45
N THR A 67 0.51 1.08 -3.34
CA THR A 67 1.69 1.28 -4.18
C THR A 67 1.35 1.03 -5.65
N SER A 68 1.68 1.98 -6.53
N SER A 68 1.69 1.97 -6.52
CA SER A 68 1.43 1.82 -7.97
CA SER A 68 1.43 1.80 -7.94
C SER A 68 2.59 1.09 -8.61
C SER A 68 2.60 1.08 -8.60
N ILE A 69 2.29 -0.02 -9.29
CA ILE A 69 3.26 -0.80 -10.06
C ILE A 69 2.59 -1.21 -11.37
N ASN A 70 3.23 -0.94 -12.51
CA ASN A 70 2.63 -1.27 -13.82
C ASN A 70 1.21 -0.74 -13.98
N GLY A 71 0.94 0.48 -13.50
CA GLY A 71 -0.36 1.06 -13.82
C GLY A 71 -1.50 0.56 -12.95
N VAL A 72 -1.20 -0.18 -11.89
CA VAL A 72 -2.18 -0.67 -10.93
C VAL A 72 -1.76 -0.17 -9.55
N LEU A 73 -2.71 0.39 -8.80
CA LEU A 73 -2.53 0.71 -7.40
C LEU A 73 -2.90 -0.50 -6.56
N TRP A 74 -1.87 -1.11 -5.96
CA TRP A 74 -1.98 -2.33 -5.19
C TRP A 74 -2.01 -2.08 -3.69
N THR A 75 -2.78 -2.90 -2.97
CA THR A 75 -2.69 -2.88 -1.52
C THR A 75 -3.12 -4.24 -0.98
N VAL A 76 -3.31 -4.30 0.32
CA VAL A 76 -3.63 -5.56 0.99
C VAL A 76 -5.13 -5.76 1.18
N TYR A 77 -5.57 -7.00 1.02
CA TYR A 77 -6.98 -7.31 1.27
C TYR A 77 -7.36 -7.06 2.74
N HIS A 78 -6.44 -7.29 3.68
CA HIS A 78 -6.83 -7.11 5.09
C HIS A 78 -7.04 -5.65 5.47
N GLY A 79 -6.61 -4.73 4.60
CA GLY A 79 -6.91 -3.33 4.73
C GLY A 79 -8.15 -2.92 3.95
N ALA A 80 -8.21 -3.30 2.67
CA ALA A 80 -9.24 -2.79 1.78
C ALA A 80 -10.46 -3.70 1.64
N GLY A 81 -10.33 -4.97 1.98
CA GLY A 81 -11.40 -5.91 1.64
C GLY A 81 -11.69 -5.82 0.17
N THR A 82 -12.98 -5.87 -0.16
CA THR A 82 -13.48 -5.74 -1.52
C THR A 82 -13.87 -4.29 -1.89
N ARG A 83 -13.44 -3.30 -1.12
CA ARG A 83 -13.95 -1.96 -1.30
C ARG A 83 -13.52 -1.36 -2.63
N THR A 84 -14.37 -0.46 -3.13
CA THR A 84 -14.01 0.45 -4.17
C THR A 84 -13.02 1.49 -3.66
N ILE A 85 -12.37 2.18 -4.60
CA ILE A 85 -11.55 3.35 -4.27
C ILE A 85 -12.23 4.60 -4.79
N ALA A 86 -12.10 5.70 -4.03
CA ALA A 86 -12.72 6.94 -4.44
C ALA A 86 -11.90 7.56 -5.56
N SER A 87 -12.59 8.23 -6.47
CA SER A 87 -11.99 8.67 -7.70
C SER A 87 -12.75 9.90 -8.19
N PRO A 88 -12.18 10.68 -9.10
CA PRO A 88 -12.87 11.93 -9.48
C PRO A 88 -14.27 11.74 -10.00
N LYS A 89 -14.58 10.60 -10.61
CA LYS A 89 -15.85 10.38 -11.25
C LYS A 89 -16.72 9.39 -10.49
N GLY A 90 -16.35 9.07 -9.26
CA GLY A 90 -17.11 8.15 -8.45
C GLY A 90 -16.30 6.92 -8.15
N PRO A 91 -16.91 6.01 -7.42
CA PRO A 91 -16.16 4.83 -6.94
C PRO A 91 -15.72 3.93 -8.09
N VAL A 92 -14.54 3.35 -7.92
CA VAL A 92 -13.92 2.47 -8.91
C VAL A 92 -13.75 1.08 -8.31
N THR A 93 -14.26 0.07 -9.01
CA THR A 93 -14.21 -1.32 -8.54
C THR A 93 -12.81 -1.92 -8.71
N GLN A 94 -12.42 -2.75 -7.75
CA GLN A 94 -11.17 -3.46 -7.87
C GLN A 94 -11.10 -4.17 -9.22
N MET A 95 -9.93 -4.13 -9.83
CA MET A 95 -9.71 -4.97 -11.01
C MET A 95 -8.98 -6.27 -10.66
N TYR A 96 -8.35 -6.34 -9.48
CA TYR A 96 -7.78 -7.56 -8.95
C TYR A 96 -8.20 -7.75 -7.51
N THR A 97 -8.49 -8.99 -7.14
CA THR A 97 -8.80 -9.33 -5.74
C THR A 97 -8.29 -10.74 -5.53
N ASN A 98 -7.37 -10.91 -4.59
CA ASN A 98 -6.87 -12.27 -4.28
C ASN A 98 -6.68 -12.41 -2.77
N VAL A 99 -7.72 -12.91 -2.12
CA VAL A 99 -7.70 -13.08 -0.66
C VAL A 99 -6.62 -14.05 -0.28
N ASP A 100 -6.31 -15.02 -1.16
CA ASP A 100 -5.31 -16.04 -0.80
C ASP A 100 -3.91 -15.44 -0.73
N LYS A 101 -3.68 -14.33 -1.40
CA LYS A 101 -2.41 -13.62 -1.34
C LYS A 101 -2.51 -12.35 -0.51
N ASP A 102 -3.68 -12.03 0.04
CA ASP A 102 -3.91 -10.79 0.75
C ASP A 102 -3.65 -9.58 -0.13
N LEU A 103 -4.12 -9.67 -1.41
CA LEU A 103 -3.78 -8.69 -2.43
C LEU A 103 -5.01 -8.15 -3.15
N VAL A 104 -5.05 -6.82 -3.36
CA VAL A 104 -6.08 -6.23 -4.22
C VAL A 104 -5.43 -5.15 -5.09
N GLY A 105 -6.14 -4.73 -6.10
CA GLY A 105 -5.63 -3.69 -6.96
C GLY A 105 -6.74 -3.00 -7.70
N TRP A 106 -6.52 -1.71 -7.95
CA TRP A 106 -7.38 -0.89 -8.78
C TRP A 106 -6.54 -0.23 -9.87
N GLN A 107 -7.18 0.17 -10.94
CA GLN A 107 -6.50 0.98 -11.95
C GLN A 107 -5.82 2.16 -11.27
N ALA A 108 -4.59 2.46 -11.67
CA ALA A 108 -3.87 3.51 -10.98
C ALA A 108 -4.50 4.87 -11.24
N PRO A 109 -4.60 5.71 -10.22
CA PRO A 109 -5.23 7.03 -10.39
C PRO A 109 -4.47 7.91 -11.35
N GLN A 110 -5.22 8.71 -12.11
CA GLN A 110 -4.59 9.69 -12.97
C GLN A 110 -3.75 10.62 -12.12
N GLY A 111 -2.51 10.81 -12.53
CA GLY A 111 -1.56 11.64 -11.85
C GLY A 111 -0.56 10.84 -11.04
N SER A 112 -0.91 9.64 -10.64
CA SER A 112 0.08 8.81 -9.97
C SER A 112 1.20 8.45 -10.95
N ARG A 113 2.28 7.92 -10.40
CA ARG A 113 3.41 7.40 -11.15
C ARG A 113 3.61 5.98 -10.66
N SER A 114 4.06 5.10 -11.55
CA SER A 114 4.16 3.68 -11.25
C SER A 114 5.61 3.29 -11.07
N LEU A 115 5.87 2.39 -10.11
CA LEU A 115 7.15 1.72 -10.02
C LEU A 115 7.26 0.63 -11.09
N THR A 116 8.48 0.35 -11.48
CA THR A 116 8.78 -0.71 -12.43
C THR A 116 9.12 -2.00 -11.69
N PRO A 117 8.56 -3.13 -12.11
CA PRO A 117 8.88 -4.40 -11.46
C PRO A 117 10.36 -4.73 -11.61
N CYS A 118 10.96 -5.17 -10.51
CA CYS A 118 12.40 -5.42 -10.48
C CYS A 118 12.75 -6.71 -11.22
N THR A 119 13.81 -6.61 -12.03
CA THR A 119 14.40 -7.76 -12.71
C THR A 119 15.87 -7.91 -12.39
N CYS A 120 16.34 -7.28 -11.31
CA CYS A 120 17.76 -7.29 -10.94
C CYS A 120 18.20 -8.59 -10.30
N GLY A 121 17.29 -9.36 -9.71
CA GLY A 121 17.70 -10.57 -9.02
C GLY A 121 18.58 -10.32 -7.82
N SER A 122 18.45 -9.13 -7.19
CA SER A 122 19.26 -8.58 -6.09
C SER A 122 18.52 -8.79 -4.78
N SER A 123 19.25 -9.06 -3.70
CA SER A 123 18.63 -9.32 -2.40
C SER A 123 18.85 -8.22 -1.37
N ASP A 124 19.37 -7.06 -1.78
CA ASP A 124 19.52 -5.95 -0.86
C ASP A 124 18.32 -5.04 -1.13
N LEU A 125 17.35 -5.07 -0.21
CA LEU A 125 16.11 -4.35 -0.41
C LEU A 125 15.93 -3.23 0.61
N TYR A 126 14.88 -2.44 0.36
CA TYR A 126 14.54 -1.28 1.17
C TYR A 126 13.03 -1.18 1.34
N LEU A 127 12.56 -1.22 2.58
CA LEU A 127 11.15 -1.06 2.88
C LEU A 127 10.84 0.38 3.23
N VAL A 128 9.75 0.89 2.66
CA VAL A 128 9.31 2.26 2.89
C VAL A 128 8.06 2.23 3.75
N THR A 129 8.10 2.89 4.90
CA THR A 129 6.97 2.90 5.81
C THR A 129 6.08 4.12 5.61
N ARG A 130 4.91 4.10 6.29
CA ARG A 130 3.94 5.18 6.22
C ARG A 130 4.47 6.45 6.86
N HIS A 131 5.55 6.36 7.62
CA HIS A 131 6.20 7.53 8.18
C HIS A 131 7.39 7.97 7.37
N ALA A 132 7.58 7.38 6.20
CA ALA A 132 8.67 7.64 5.26
C ALA A 132 10.02 7.24 5.80
N ASP A 133 10.04 6.32 6.75
CA ASP A 133 11.27 5.66 7.12
C ASP A 133 11.64 4.65 6.05
N VAL A 134 12.92 4.59 5.71
CA VAL A 134 13.44 3.65 4.74
C VAL A 134 14.23 2.61 5.53
N ILE A 135 13.81 1.35 5.43
CA ILE A 135 14.30 0.29 6.30
C ILE A 135 15.07 -0.72 5.47
N PRO A 136 16.39 -0.81 5.60
CA PRO A 136 17.11 -1.87 4.88
C PRO A 136 16.63 -3.25 5.28
N VAL A 137 16.44 -4.09 4.27
CA VAL A 137 15.92 -5.45 4.39
C VAL A 137 16.75 -6.35 3.51
N ARG A 138 17.27 -7.43 4.07
CA ARG A 138 17.96 -8.44 3.27
C ARG A 138 16.95 -9.51 2.87
N ARG A 139 16.84 -9.78 1.57
CA ARG A 139 15.89 -10.79 1.12
C ARG A 139 16.37 -12.17 1.59
N ARG A 140 15.45 -12.98 2.16
CA ARG A 140 15.78 -14.28 2.74
C ARG A 140 15.02 -15.41 2.10
N GLY A 141 14.06 -15.12 1.22
CA GLY A 141 13.36 -16.13 0.46
C GLY A 141 12.47 -15.44 -0.56
N ASP A 142 11.57 -16.20 -1.16
CA ASP A 142 10.67 -15.63 -2.18
C ASP A 142 9.84 -14.48 -1.60
N SER A 143 9.42 -14.63 -0.35
CA SER A 143 8.45 -13.70 0.22
C SER A 143 8.82 -13.22 1.63
N ARG A 144 10.10 -13.33 2.00
CA ARG A 144 10.55 -12.99 3.35
C ARG A 144 11.83 -12.16 3.25
N GLY A 145 11.98 -11.20 4.17
CA GLY A 145 13.24 -10.47 4.30
C GLY A 145 13.48 -10.11 5.74
N SER A 146 14.78 -10.02 6.13
CA SER A 146 15.11 -9.67 7.49
C SER A 146 15.43 -8.18 7.59
N LEU A 147 15.01 -7.56 8.68
CA LEU A 147 15.40 -6.19 8.94
C LEU A 147 16.84 -6.18 9.41
N LEU A 148 17.67 -5.30 8.85
CA LEU A 148 19.03 -5.26 9.33
C LEU A 148 19.06 -4.75 10.76
N SER A 149 18.11 -3.87 11.10
CA SER A 149 17.95 -3.32 12.44
C SER A 149 16.52 -3.59 12.85
N PRO A 150 16.27 -4.60 13.68
CA PRO A 150 14.91 -4.89 14.12
C PRO A 150 14.21 -3.71 14.78
N ARG A 151 12.89 -3.68 14.66
N ARG A 151 12.88 -3.72 14.69
CA ARG A 151 12.04 -2.60 15.14
CA ARG A 151 12.00 -2.63 15.07
C ARG A 151 10.80 -3.17 15.81
C ARG A 151 10.78 -3.18 15.80
N PRO A 152 10.25 -2.48 16.81
CA PRO A 152 8.99 -2.92 17.41
C PRO A 152 7.91 -2.91 16.36
N ILE A 153 6.92 -3.80 16.49
CA ILE A 153 5.90 -3.81 15.43
C ILE A 153 5.17 -2.48 15.32
N SER A 154 5.13 -1.69 16.42
CA SER A 154 4.51 -0.36 16.36
C SER A 154 5.03 0.49 15.20
N TYR A 155 6.31 0.33 14.89
CA TYR A 155 7.01 1.12 13.90
C TYR A 155 6.56 0.77 12.51
N LEU A 156 6.07 -0.46 12.34
CA LEU A 156 5.65 -0.97 11.05
C LEU A 156 4.17 -0.93 10.86
N LYS A 157 3.42 -0.78 11.95
CA LYS A 157 1.97 -0.82 11.87
C LYS A 157 1.49 0.30 10.97
N GLY A 158 0.56 -0.03 10.07
CA GLY A 158 0.02 0.93 9.12
C GLY A 158 0.78 1.03 7.82
N SER A 159 1.77 0.16 7.60
CA SER A 159 2.61 0.22 6.42
C SER A 159 2.33 -0.93 5.46
N SER A 160 1.41 -1.83 5.78
CA SER A 160 1.02 -2.83 4.80
C SER A 160 0.56 -2.13 3.54
N GLY A 161 0.85 -2.76 2.40
CA GLY A 161 0.63 -2.11 1.12
C GLY A 161 1.79 -1.29 0.60
N GLY A 162 2.78 -0.99 1.44
CA GLY A 162 3.94 -0.23 1.02
C GLY A 162 4.94 -1.10 0.29
N PRO A 163 5.92 -0.46 -0.36
CA PRO A 163 6.85 -1.19 -1.21
C PRO A 163 8.11 -1.67 -0.51
N LEU A 164 8.64 -2.80 -1.02
CA LEU A 164 10.05 -3.11 -0.89
C LEU A 164 10.67 -2.84 -2.26
N LEU A 165 11.76 -2.08 -2.25
CA LEU A 165 12.45 -1.67 -3.46
C LEU A 165 13.87 -2.24 -3.49
N CYS A 166 14.39 -2.40 -4.72
CA CYS A 166 15.79 -2.75 -4.91
C CYS A 166 16.66 -1.50 -4.90
N PRO A 167 17.98 -1.67 -4.97
CA PRO A 167 18.86 -0.49 -4.94
C PRO A 167 18.61 0.49 -6.06
N ALA A 168 18.09 0.03 -7.19
CA ALA A 168 17.79 0.88 -8.32
C ALA A 168 16.40 1.49 -8.24
N GLY A 169 15.64 1.14 -7.23
CA GLY A 169 14.34 1.75 -7.07
C GLY A 169 13.22 1.01 -7.75
N HIS A 170 13.45 -0.23 -8.18
CA HIS A 170 12.37 -1.02 -8.74
C HIS A 170 11.55 -1.61 -7.60
N ALA A 171 10.30 -1.95 -7.91
CA ALA A 171 9.45 -2.65 -6.94
C ALA A 171 9.80 -4.13 -6.89
N VAL A 172 10.09 -4.63 -5.69
CA VAL A 172 10.33 -6.05 -5.44
C VAL A 172 9.14 -6.73 -4.79
N GLY A 173 8.40 -6.01 -3.97
CA GLY A 173 7.26 -6.63 -3.32
C GLY A 173 6.43 -5.59 -2.61
N ILE A 174 5.29 -6.06 -2.07
CA ILE A 174 4.32 -5.27 -1.32
C ILE A 174 4.29 -5.82 0.11
N PHE A 175 4.51 -4.94 1.09
CA PHE A 175 4.60 -5.37 2.50
C PHE A 175 3.24 -5.92 2.97
N ARG A 176 3.25 -7.15 3.51
CA ARG A 176 2.03 -7.86 3.89
C ARG A 176 1.89 -8.08 5.39
N ALA A 177 2.92 -8.59 6.05
CA ALA A 177 2.82 -8.96 7.46
C ALA A 177 4.20 -8.91 8.09
N ALA A 178 4.23 -8.68 9.40
CA ALA A 178 5.50 -8.65 10.13
C ALA A 178 5.74 -9.99 10.81
N VAL A 179 7.00 -10.39 10.84
CA VAL A 179 7.43 -11.61 11.49
C VAL A 179 7.96 -11.18 12.84
N CYS A 180 7.21 -11.48 13.87
CA CYS A 180 7.36 -10.83 15.14
C CYS A 180 7.55 -11.84 16.27
N THR A 181 8.49 -11.56 17.17
CA THR A 181 8.57 -12.27 18.44
C THR A 181 8.78 -11.29 19.59
N ARG A 182 7.98 -11.45 20.64
CA ARG A 182 8.01 -10.52 21.77
C ARG A 182 7.86 -9.08 21.27
N GLY A 183 7.01 -8.90 20.26
CA GLY A 183 6.70 -7.58 19.72
C GLY A 183 7.79 -6.90 18.92
N VAL A 184 8.91 -7.57 18.63
CA VAL A 184 9.98 -6.99 17.82
C VAL A 184 9.89 -7.63 16.44
N ALA A 185 9.86 -6.80 15.42
CA ALA A 185 9.83 -7.29 14.04
C ALA A 185 11.28 -7.57 13.65
N LYS A 186 11.65 -8.84 13.48
CA LYS A 186 12.98 -9.14 12.95
C LYS A 186 12.95 -9.40 11.46
N ALA A 187 11.77 -9.66 10.90
CA ALA A 187 11.62 -9.95 9.48
C ALA A 187 10.24 -9.49 9.00
N VAL A 188 10.10 -9.43 7.69
CA VAL A 188 8.84 -9.08 7.07
C VAL A 188 8.48 -10.12 6.02
N ASP A 189 7.18 -10.27 5.86
CA ASP A 189 6.53 -11.08 4.83
C ASP A 189 5.97 -10.14 3.78
N PHE A 190 6.25 -10.41 2.50
CA PHE A 190 5.79 -9.52 1.45
C PHE A 190 5.26 -10.32 0.26
N ILE A 191 4.39 -9.67 -0.51
CA ILE A 191 3.88 -10.25 -1.76
C ILE A 191 4.90 -9.96 -2.84
N PRO A 192 5.56 -10.95 -3.41
CA PRO A 192 6.59 -10.63 -4.41
C PRO A 192 5.97 -10.05 -5.66
N VAL A 193 6.74 -9.22 -6.35
CA VAL A 193 6.19 -8.55 -7.53
C VAL A 193 5.84 -9.58 -8.61
N GLU A 194 6.50 -10.72 -8.62
CA GLU A 194 6.15 -11.76 -9.60
C GLU A 194 4.72 -12.25 -9.40
N SER A 195 4.28 -12.27 -8.17
CA SER A 195 2.95 -12.72 -7.85
C SER A 195 1.92 -11.68 -8.30
N LEU A 196 2.26 -10.41 -8.16
CA LEU A 196 1.46 -9.38 -8.81
C LEU A 196 1.39 -9.64 -10.30
N GLU A 197 2.54 -9.93 -10.91
CA GLU A 197 2.63 -10.05 -12.38
C GLU A 197 1.84 -11.26 -12.84
N THR A 198 1.84 -12.35 -12.07
CA THR A 198 0.96 -13.48 -12.36
C THR A 198 -0.49 -13.10 -12.15
N THR A 199 -0.83 -12.56 -10.97
CA THR A 199 -2.20 -12.12 -10.73
C THR A 199 -2.70 -11.28 -11.90
N MET A 200 -1.81 -10.48 -12.50
CA MET A 200 -2.23 -9.60 -13.60
C MET A 200 -2.74 -10.42 -14.78
ZN ZN B . 15.78 -3.88 -9.49
S SO4 C . -0.08 8.38 11.16
O1 SO4 C . -1.44 8.30 10.62
O2 SO4 C . 0.02 7.45 12.30
O3 SO4 C . 0.83 8.04 10.05
O4 SO4 C . 0.17 9.74 11.66
S SO4 D . -13.40 -9.75 4.66
O1 SO4 D . -14.59 -9.67 5.50
O2 SO4 D . -12.31 -10.24 5.46
O3 SO4 D . -13.59 -10.65 3.53
O4 SO4 D . -13.05 -8.44 4.13
S SO4 E . -1.53 8.17 -20.98
O1 SO4 E . -2.52 8.60 -19.99
O2 SO4 E . -1.38 6.71 -20.88
O3 SO4 E . -1.90 8.59 -22.32
O4 SO4 E . -0.21 8.76 -20.69
S SO4 F . -4.05 -14.05 -15.65
O1 SO4 F . -5.06 -13.52 -14.73
O2 SO4 F . -3.33 -15.12 -14.96
O3 SO4 F . -4.67 -14.57 -16.86
O4 SO4 F . -3.10 -13.01 -16.05
C13 FH1 G . -1.05 -8.46 9.01
C21 FH1 G . 2.78 -14.27 10.07
C22 FH1 G . 4.25 -14.90 9.99
C24 FH1 G . 1.06 -9.55 13.19
C26 FH1 G . 1.03 -10.59 14.33
C01 FH1 G . 0.63 -9.41 10.75
C02 FH1 G . -2.71 -9.97 9.22
C03 FH1 G . -2.57 -8.70 8.85
C04 FH1 G . -1.78 -10.14 10.52
C05 FH1 G . 2.89 -4.63 11.84
C06 FH1 G . 2.63 -4.27 10.56
C07 FH1 G . 2.19 -5.37 9.57
C08 FH1 G . 2.26 -5.10 8.08
C09 FH1 G . 0.89 -5.15 8.77
C11 FH1 G . -0.59 -7.13 9.46
C16 FH1 G . 0.87 -10.38 11.91
C18 FH1 G . 1.77 -12.40 10.92
C23 FH1 G . 2.35 -14.16 8.58
C25 FH1 G . 2.39 -8.76 13.20
C27 FH1 G . -0.06 -8.52 13.46
C29 FH1 G . -2.84 -11.39 7.32
C30 FH1 G . -2.18 -12.16 6.21
C31 FH1 G . -0.70 -12.48 6.27
C33 FH1 G . -4.33 -12.26 5.07
C34 FH1 G . -5.12 -12.75 3.86
C35 FH1 G . -6.57 -12.42 3.84
C36 FH1 G . -7.20 -11.62 4.96
C37 FH1 G . -6.44 -11.15 6.18
C38 FH1 G . -4.97 -11.51 6.19
C41 FH1 G . -9.14 -10.67 5.86
C42 FH1 G . 0.22 -3.84 8.82
C48 FH1 G . -3.73 -2.86 8.92
C49 FH1 G . -4.40 -2.82 7.57
C50 FH1 G . -4.59 -1.66 8.54
C51 FH1 G . 4.71 -14.27 8.88
C52 FH1 G . 3.48 -14.34 7.82
C53 FH1 G . -4.18 -3.88 9.96
N10 FH1 G . 0.20 -6.39 8.51
N14 FH1 G . -0.71 -9.41 10.17
N17 FH1 G . 2.00 -11.17 11.60
N32 FH1 G . -2.93 -12.59 5.09
N39 FH1 G . -4.22 -11.06 7.32
N44 FH1 G . -1.21 -3.94 8.77
O12 FH1 G . -0.84 -6.65 10.53
O15 FH1 G . 1.50 -8.71 10.30
O19 FH1 G . 0.68 -12.83 10.70
O20 FH1 G . 2.92 -13.05 10.55
O28 FH1 G . -2.04 -10.95 8.36
O40 FH1 G . -8.53 -11.44 4.83
O43 FH1 G . 0.79 -2.81 8.85
O46 FH1 G . -1.68 -1.51 7.85
O47 FH1 G . -1.69 -1.95 10.20
S45 FH1 G . -1.96 -2.51 8.87
H131 FH1 G . -0.58 -8.73 8.21
H211 FH1 G . 2.16 -14.81 10.59
H221 FH1 G . 4.21 -15.87 9.85
H222 FH1 G . 4.77 -14.67 10.77
H261 FH1 G . 0.20 -11.09 14.29
H262 FH1 G . 1.08 -10.13 15.18
H263 FH1 G . 1.78 -11.19 14.24
H021 FH1 G . -3.64 -10.20 9.40
H032 FH1 G . -3.08 -8.12 9.42
H031 FH1 G . -2.83 -8.59 7.92
H041 FH1 G . -1.53 -11.07 10.65
H042 FH1 G . -2.20 -9.77 11.30
H052 FH1 G . 3.16 -3.98 12.45
H051 FH1 G . 2.80 -5.50 12.10
H061 FH1 G . 2.73 -3.39 10.28
H071 FH1 G . 2.35 -6.30 9.81
H081 FH1 G . 2.57 -4.21 7.84
H082 FH1 G . 2.48 -5.86 7.53
H161 FH1 G . 0.10 -10.96 12.01
H231 FH1 G . 1.98 -13.28 8.41
H232 FH1 G . 1.69 -14.85 8.38
H253 FH1 G . 2.14 -8.15 13.92
H251 FH1 G . 2.89 -8.11 12.69
H252 FH1 G . 2.96 -9.51 13.00
H272 FH1 G . -0.91 -9.00 13.51
H271 FH1 G . -0.09 -7.87 12.75
H273 FH1 G . 0.10 -8.08 14.31
H313 FH1 G . -0.26 -11.84 6.86
H311 FH1 G . -0.32 -12.40 5.38
H312 FH1 G . -0.57 -13.37 6.60
H341 FH1 G . -4.73 -13.23 3.18
H351 FH1 G . -7.10 -12.69 3.12
H371 FH1 G . -6.85 -10.67 6.87
H412 FH1 G . -10.08 -10.93 5.93
H411 FH1 G . -9.08 -9.73 5.66
H413 FH1 G . -8.70 -10.86 6.70
H491 FH1 G . -3.82 -2.64 6.82
H492 FH1 G . -5.16 -3.41 7.47
H501 FH1 G . -4.12 -0.85 8.32
H502 FH1 G . -5.46 -1.62 8.97
H512 FH1 G . 5.49 -14.73 8.52
H511 FH1 G . 4.93 -13.35 9.08
H522 FH1 G . 3.56 -13.63 7.15
H521 FH1 G . 3.45 -15.21 7.38
H531 FH1 G . -4.92 -4.40 9.59
H532 FH1 G . -4.47 -3.43 10.75
H533 FH1 G . -3.45 -4.48 10.16
H101 FH1 G . 0.41 -6.80 7.78
H171 FH1 G . 2.74 -11.06 12.03
H441 FH1 G . -1.62 -4.70 8.76
#